data_2WHH
#
_entry.id   2WHH
#
_cell.length_a   62.540
_cell.length_b   62.540
_cell.length_c   81.990
_cell.angle_alpha   90.00
_cell.angle_beta   90.00
_cell.angle_gamma   120.00
#
_symmetry.space_group_name_H-M   'P 61'
#
loop_
_entity.id
_entity.type
_entity.pdbx_description
1 polymer 'POL PROTEIN'
2 non-polymer PARA-NITROPHENYLALANINE
3 non-polymer 'GLUTAMIC ACID'
4 water water
#
_entity_poly.entity_id   1
_entity_poly.type   'polypeptide(L)'
_entity_poly.pdbx_seq_one_letter_code
;PQVTLWQRPLVTIKIGGQLKEALLDTGADDTVLEEMSLPGRWKPKMIGGIGGFIKVRQYDQILIEICGHKAIGTVLVGPT
PVNIIGRNLLTQIGMTLNFGGSSGPQVTLWQRPLVTIKIGGQLKEALLDTGADDTVLEEMSLPGRWKPKMIGGIGGFIKV
RQYDQILIEICGHKAIGTVLVGPTPVNIIGRNLLTQIGATLNF
;
_entity_poly.pdbx_strand_id   A
#
# COMPACT_ATOMS: atom_id res chain seq x y z
N PRO A 1 14.86 -10.42 7.61
CA PRO A 1 15.34 -9.16 7.04
C PRO A 1 14.53 -7.93 7.47
N GLN A 2 15.24 -6.84 7.70
CA GLN A 2 14.58 -5.60 8.06
C GLN A 2 14.73 -4.78 6.78
N VAL A 3 13.81 -3.87 6.52
CA VAL A 3 13.94 -3.03 5.34
C VAL A 3 13.40 -1.61 5.56
N THR A 4 14.18 -0.63 5.14
CA THR A 4 13.80 0.77 5.25
C THR A 4 12.91 1.09 4.04
N LEU A 5 12.30 2.27 4.02
CA LEU A 5 11.36 2.61 2.95
C LEU A 5 11.79 3.76 2.06
N TRP A 6 13.11 3.96 1.95
CA TRP A 6 13.61 5.03 1.11
C TRP A 6 13.43 4.65 -0.36
N GLN A 7 13.26 3.34 -0.60
CA GLN A 7 13.01 2.82 -1.94
C GLN A 7 11.78 1.92 -1.82
N ARG A 8 11.10 1.65 -2.93
CA ARG A 8 9.95 0.73 -2.84
C ARG A 8 10.44 -0.61 -2.30
N PRO A 9 9.66 -1.24 -1.41
CA PRO A 9 10.03 -2.52 -0.82
C PRO A 9 9.70 -3.70 -1.72
N LEU A 10 10.56 -3.92 -2.72
CA LEU A 10 10.33 -5.03 -3.67
C LEU A 10 11.00 -6.32 -3.21
N VAL A 11 10.36 -7.45 -3.52
CA VAL A 11 10.91 -8.74 -3.15
C VAL A 11 10.75 -9.65 -4.35
N THR A 12 11.57 -10.69 -4.41
CA THR A 12 11.45 -11.64 -5.49
C THR A 12 10.49 -12.72 -4.99
N ILE A 13 9.55 -13.14 -5.83
CA ILE A 13 8.62 -14.18 -5.41
C ILE A 13 8.60 -15.27 -6.47
N LYS A 14 8.20 -16.47 -6.07
CA LYS A 14 8.08 -17.55 -7.04
C LYS A 14 6.66 -18.07 -6.83
N ILE A 15 5.91 -18.14 -7.92
CA ILE A 15 4.54 -18.59 -7.89
C ILE A 15 4.20 -19.24 -9.23
N GLY A 16 3.48 -20.35 -9.18
CA GLY A 16 3.10 -21.00 -10.42
C GLY A 16 4.30 -21.35 -11.25
N GLY A 17 5.42 -21.65 -10.57
CA GLY A 17 6.67 -22.01 -11.23
C GLY A 17 7.44 -20.84 -11.87
N GLN A 18 6.90 -19.63 -11.76
CA GLN A 18 7.48 -18.44 -12.38
C GLN A 18 8.10 -17.50 -11.35
N LEU A 19 9.12 -16.77 -11.76
CA LEU A 19 9.77 -15.81 -10.89
C LEU A 19 9.30 -14.41 -11.24
N LYS A 20 8.93 -13.65 -10.21
CA LYS A 20 8.44 -12.28 -10.42
C LYS A 20 8.89 -11.37 -9.29
N GLU A 21 8.75 -10.07 -9.50
CA GLU A 21 9.06 -9.12 -8.45
C GLU A 21 7.72 -8.60 -7.94
N ALA A 22 7.63 -8.30 -6.66
CA ALA A 22 6.38 -7.81 -6.08
C ALA A 22 6.67 -6.81 -4.99
N LEU A 23 5.71 -5.92 -4.77
CA LEU A 23 5.83 -4.87 -3.79
C LEU A 23 5.18 -5.30 -2.48
N LEU A 24 5.93 -5.22 -1.37
CA LEU A 24 5.36 -5.54 -0.05
C LEU A 24 4.47 -4.33 0.25
N ASP A 25 3.16 -4.55 0.29
CA ASP A 25 2.22 -3.42 0.44
C ASP A 25 1.33 -3.49 1.68
N THR A 26 1.72 -2.81 2.75
CA THR A 26 0.92 -2.85 3.99
C THR A 26 -0.47 -2.22 3.84
N GLY A 27 -0.64 -1.41 2.80
CA GLY A 27 -1.92 -0.79 2.59
C GLY A 27 -2.89 -1.64 1.80
N ALA A 28 -2.47 -2.84 1.40
CA ALA A 28 -3.35 -3.70 0.62
C ALA A 28 -3.86 -4.90 1.45
N ASP A 29 -5.17 -5.10 1.43
CA ASP A 29 -5.72 -6.22 2.20
C ASP A 29 -5.39 -7.51 1.47
N ASP A 30 -5.40 -7.42 0.14
CA ASP A 30 -5.16 -8.59 -0.71
C ASP A 30 -3.88 -8.57 -1.54
N THR A 31 -3.57 -9.73 -2.07
CA THR A 31 -2.41 -9.88 -2.94
C THR A 31 -2.95 -9.87 -4.38
N VAL A 32 -2.34 -9.02 -5.20
CA VAL A 32 -2.80 -8.85 -6.58
C VAL A 32 -1.64 -8.89 -7.52
N LEU A 33 -1.70 -9.82 -8.49
CA LEU A 33 -0.62 -9.94 -9.45
C LEU A 33 -1.05 -9.67 -10.87
N GLU A 34 -0.10 -9.14 -11.63
CA GLU A 34 -0.27 -8.83 -13.05
C GLU A 34 -0.74 -10.10 -13.73
N GLU A 35 -1.42 -9.97 -14.86
CA GLU A 35 -1.90 -11.12 -15.61
C GLU A 35 -0.76 -12.11 -15.77
N MET A 36 -1.04 -13.38 -15.49
CA MET A 36 -0.03 -14.41 -15.58
C MET A 36 -0.76 -15.73 -15.64
N SER A 37 0.00 -16.77 -15.95
CA SER A 37 -0.51 -18.12 -16.05
C SER A 37 -0.49 -18.90 -14.74
N LEU A 38 -1.67 -19.26 -14.24
CA LEU A 38 -1.79 -20.06 -13.02
C LEU A 38 -2.72 -21.23 -13.34
N PRO A 39 -2.48 -22.40 -12.74
CA PRO A 39 -3.37 -23.52 -13.04
C PRO A 39 -4.56 -23.57 -12.09
N GLY A 40 -5.61 -24.27 -12.49
CA GLY A 40 -6.76 -24.40 -11.62
C GLY A 40 -7.96 -23.50 -11.81
N ARG A 41 -8.96 -23.71 -10.96
CA ARG A 41 -10.18 -22.94 -11.01
C ARG A 41 -10.00 -21.58 -10.35
N TRP A 42 -10.88 -20.65 -10.66
CA TRP A 42 -10.86 -19.32 -10.09
C TRP A 42 -12.27 -18.77 -10.09
N LYS A 43 -12.50 -17.74 -9.27
CA LYS A 43 -13.80 -17.09 -9.17
C LYS A 43 -13.61 -15.64 -9.61
N PRO A 44 -14.60 -15.08 -10.33
CA PRO A 44 -14.54 -13.69 -10.81
C PRO A 44 -14.72 -12.80 -9.59
N LYS A 45 -13.94 -11.74 -9.50
CA LYS A 45 -14.04 -10.85 -8.35
C LYS A 45 -13.72 -9.42 -8.75
N MET A 46 -14.16 -8.48 -7.93
CA MET A 46 -13.95 -7.06 -8.19
C MET A 46 -13.27 -6.43 -6.98
N ILE A 47 -12.17 -5.71 -7.20
CA ILE A 47 -11.48 -5.07 -6.09
C ILE A 47 -11.28 -3.59 -6.38
N GLY A 48 -11.16 -2.78 -5.33
CA GLY A 48 -10.95 -1.37 -5.57
C GLY A 48 -9.64 -0.82 -5.06
N GLY A 49 -9.33 0.41 -5.49
CA GLY A 49 -8.13 1.09 -5.07
C GLY A 49 -8.28 2.54 -5.46
N ILE A 50 -7.18 3.28 -5.46
CA ILE A 50 -7.26 4.65 -5.89
C ILE A 50 -7.45 4.54 -7.41
N GLY A 51 -8.37 5.31 -7.97
CA GLY A 51 -8.58 5.25 -9.40
C GLY A 51 -9.88 4.55 -9.72
N GLY A 52 -10.32 3.68 -8.83
CA GLY A 52 -11.57 2.99 -9.07
C GLY A 52 -11.44 1.50 -8.86
N PHE A 53 -12.01 0.72 -9.77
CA PHE A 53 -12.01 -0.72 -9.60
C PHE A 53 -11.53 -1.53 -10.78
N ILE A 54 -11.14 -2.78 -10.52
CA ILE A 54 -10.72 -3.68 -11.59
C ILE A 54 -11.27 -5.06 -11.31
N LYS A 55 -11.51 -5.82 -12.39
CA LYS A 55 -12.01 -7.19 -12.27
C LYS A 55 -10.79 -8.08 -12.22
N VAL A 56 -10.81 -9.06 -11.34
CA VAL A 56 -9.70 -9.98 -11.25
C VAL A 56 -10.19 -11.42 -11.14
N ARG A 57 -9.25 -12.35 -11.26
CA ARG A 57 -9.60 -13.75 -11.12
C ARG A 57 -9.09 -14.13 -9.73
N GLN A 58 -9.93 -14.73 -8.92
CA GLN A 58 -9.50 -15.12 -7.59
C GLN A 58 -9.08 -16.58 -7.50
N TYR A 59 -7.80 -16.81 -7.22
CA TYR A 59 -7.29 -18.17 -7.06
C TYR A 59 -7.03 -18.39 -5.58
N ASP A 60 -7.50 -19.51 -5.06
CA ASP A 60 -7.31 -19.83 -3.65
C ASP A 60 -6.27 -20.92 -3.45
N GLN A 61 -5.76 -21.03 -2.22
CA GLN A 61 -4.79 -22.04 -1.85
C GLN A 61 -3.60 -22.03 -2.77
N ILE A 62 -3.12 -20.85 -3.11
CA ILE A 62 -1.97 -20.76 -4.00
C ILE A 62 -0.72 -20.67 -3.18
N LEU A 63 0.28 -21.47 -3.55
CA LEU A 63 1.55 -21.47 -2.87
C LEU A 63 2.41 -20.38 -3.47
N ILE A 64 3.01 -19.56 -2.62
CA ILE A 64 3.86 -18.49 -3.10
C ILE A 64 5.12 -18.38 -2.21
N GLU A 65 6.28 -18.25 -2.83
CA GLU A 65 7.50 -18.13 -2.07
C GLU A 65 7.82 -16.64 -2.17
N ILE A 66 7.81 -15.96 -1.02
CA ILE A 66 8.08 -14.52 -0.96
C ILE A 66 9.44 -14.34 -0.31
N CYS A 67 10.41 -13.86 -1.09
CA CYS A 67 11.76 -13.67 -0.58
C CYS A 67 12.23 -14.95 0.13
N GLY A 68 11.88 -16.10 -0.44
CA GLY A 68 12.27 -17.37 0.14
C GLY A 68 11.32 -17.99 1.15
N HIS A 69 10.45 -17.16 1.72
CA HIS A 69 9.49 -17.61 2.72
C HIS A 69 8.20 -18.12 2.08
N LYS A 70 7.79 -19.32 2.45
CA LYS A 70 6.58 -19.89 1.88
C LYS A 70 5.30 -19.45 2.58
N ALA A 71 4.28 -19.25 1.77
CA ALA A 71 2.97 -18.86 2.25
C ALA A 71 1.94 -19.45 1.31
N ILE A 72 0.76 -19.75 1.84
CA ILE A 72 -0.30 -20.25 0.99
C ILE A 72 -1.50 -19.40 1.25
N GLY A 73 -2.16 -19.01 0.18
CA GLY A 73 -3.36 -18.22 0.34
C GLY A 73 -3.96 -17.79 -0.96
N THR A 74 -4.83 -16.80 -0.84
CA THR A 74 -5.53 -16.26 -1.97
C THR A 74 -4.71 -15.25 -2.77
N VAL A 75 -4.72 -15.44 -4.08
CA VAL A 75 -4.00 -14.56 -4.98
C VAL A 75 -4.97 -14.05 -6.04
N LEU A 76 -5.03 -12.74 -6.24
CA LEU A 76 -5.92 -12.21 -7.25
C LEU A 76 -5.07 -11.88 -8.48
N VAL A 77 -5.60 -12.16 -9.65
CA VAL A 77 -4.88 -11.92 -10.89
C VAL A 77 -5.72 -10.98 -11.77
N GLY A 78 -5.11 -9.89 -12.20
CA GLY A 78 -5.83 -8.91 -13.00
C GLY A 78 -4.97 -7.74 -13.44
N PRO A 79 -5.58 -6.69 -14.00
CA PRO A 79 -4.90 -5.50 -14.48
C PRO A 79 -4.29 -4.49 -13.49
N THR A 80 -3.55 -4.98 -12.50
CA THR A 80 -2.91 -4.09 -11.55
C THR A 80 -1.64 -3.53 -12.18
N PRO A 81 -1.32 -2.26 -11.92
CA PRO A 81 -0.09 -1.73 -12.53
C PRO A 81 1.20 -2.33 -11.95
N VAL A 82 1.11 -2.90 -10.74
N VAL A 82 1.11 -2.90 -10.74
CA VAL A 82 2.27 -3.52 -10.10
CA VAL A 82 2.27 -3.49 -10.06
C VAL A 82 1.83 -4.73 -9.29
C VAL A 82 1.84 -4.72 -9.28
N ASN A 83 2.72 -5.72 -9.17
CA ASN A 83 2.41 -6.92 -8.40
C ASN A 83 2.51 -6.49 -6.95
N ILE A 84 1.47 -6.79 -6.17
N ILE A 84 1.49 -6.76 -6.15
CA ILE A 84 1.41 -6.41 -4.76
CA ILE A 84 1.54 -6.38 -4.75
C ILE A 84 1.21 -7.58 -3.79
C ILE A 84 1.24 -7.55 -3.81
N ILE A 85 2.00 -7.63 -2.73
CA ILE A 85 1.84 -8.68 -1.73
C ILE A 85 1.10 -7.97 -0.59
N GLY A 86 -0.17 -8.34 -0.42
CA GLY A 86 -1.03 -7.74 0.60
C GLY A 86 -0.98 -8.42 1.95
N ARG A 87 -1.71 -7.88 2.93
CA ARG A 87 -1.67 -8.41 4.29
C ARG A 87 -2.07 -9.86 4.45
N ASN A 88 -2.89 -10.37 3.55
CA ASN A 88 -3.28 -11.78 3.66
C ASN A 88 -2.07 -12.69 3.63
N LEU A 89 -1.00 -12.26 2.93
CA LEU A 89 0.20 -13.06 2.86
C LEU A 89 1.32 -12.48 3.73
N LEU A 90 1.34 -11.15 3.92
CA LEU A 90 2.38 -10.55 4.75
C LEU A 90 2.36 -11.12 6.19
N THR A 91 1.19 -11.44 6.71
CA THR A 91 1.14 -11.97 8.08
C THR A 91 1.80 -13.35 8.17
N GLN A 92 1.77 -14.10 7.06
CA GLN A 92 2.36 -15.44 7.05
C GLN A 92 3.88 -15.43 7.06
N ILE A 93 4.50 -14.37 6.58
CA ILE A 93 5.93 -14.34 6.63
C ILE A 93 6.37 -13.50 7.83
N GLY A 94 5.44 -13.29 8.75
CA GLY A 94 5.72 -12.52 9.96
C GLY A 94 6.20 -11.10 9.73
N MET A 95 5.56 -10.41 8.79
CA MET A 95 5.96 -9.07 8.48
C MET A 95 5.44 -8.12 9.55
N THR A 96 6.29 -7.17 9.94
CA THR A 96 5.91 -6.14 10.93
C THR A 96 6.37 -4.76 10.46
N LEU A 97 5.68 -3.74 10.94
CA LEU A 97 5.99 -2.34 10.61
C LEU A 97 6.65 -1.77 11.89
N ASN A 98 7.77 -1.07 11.79
CA ASN A 98 8.44 -0.55 12.98
C ASN A 98 8.79 0.92 12.88
N PHE A 99 8.39 1.70 13.88
CA PHE A 99 8.68 3.12 13.88
C PHE A 99 8.58 3.66 15.30
N PRO A 105 6.82 2.12 18.20
CA PRO A 105 6.04 0.90 18.34
C PRO A 105 6.26 -0.09 17.18
N GLN A 106 5.90 -1.35 17.42
CA GLN A 106 6.01 -2.36 16.39
C GLN A 106 4.57 -2.61 16.03
N VAL A 107 4.30 -2.78 14.74
CA VAL A 107 2.95 -3.01 14.24
C VAL A 107 2.82 -4.29 13.41
N THR A 108 1.98 -5.22 13.84
CA THR A 108 1.76 -6.45 13.06
C THR A 108 0.67 -6.18 12.01
N LEU A 109 0.46 -7.09 11.08
CA LEU A 109 -0.47 -6.82 9.99
C LEU A 109 -1.74 -7.64 9.91
N TRP A 110 -2.17 -8.16 11.05
CA TRP A 110 -3.39 -8.95 11.08
C TRP A 110 -4.60 -8.01 10.88
N GLN A 111 -4.40 -6.73 11.15
CA GLN A 111 -5.44 -5.73 10.92
C GLN A 111 -4.81 -4.62 10.12
N ARG A 112 -5.61 -3.75 9.50
CA ARG A 112 -5.00 -2.63 8.75
C ARG A 112 -4.22 -1.79 9.73
N PRO A 113 -3.03 -1.32 9.32
CA PRO A 113 -2.16 -0.50 10.16
C PRO A 113 -2.58 0.97 10.17
N LEU A 114 -3.59 1.26 10.98
CA LEU A 114 -4.12 2.63 11.07
C LEU A 114 -3.48 3.39 12.20
N VAL A 115 -3.23 4.68 11.95
CA VAL A 115 -2.65 5.57 12.95
C VAL A 115 -3.49 6.84 12.99
N THR A 116 -3.34 7.59 14.07
CA THR A 116 -4.06 8.84 14.17
C THR A 116 -3.08 9.92 13.71
N ILE A 117 -3.53 10.85 12.89
CA ILE A 117 -2.65 11.92 12.44
C ILE A 117 -3.30 13.24 12.75
N LYS A 118 -2.48 14.28 12.86
CA LYS A 118 -3.02 15.63 13.07
C LYS A 118 -2.38 16.42 11.95
N ILE A 119 -3.22 17.09 11.16
CA ILE A 119 -2.74 17.86 10.03
C ILE A 119 -3.73 18.99 9.79
N GLY A 120 -3.22 20.18 9.52
CA GLY A 120 -4.09 21.31 9.25
C GLY A 120 -5.02 21.58 10.42
N GLY A 121 -4.54 21.33 11.64
CA GLY A 121 -5.34 21.51 12.84
C GLY A 121 -6.43 20.48 13.08
N GLN A 122 -6.55 19.49 12.18
CA GLN A 122 -7.57 18.44 12.25
C GLN A 122 -7.03 17.06 12.58
N LEU A 123 -7.86 16.25 13.25
CA LEU A 123 -7.51 14.89 13.57
C LEU A 123 -8.17 13.91 12.59
N LYS A 124 -7.38 12.99 12.09
CA LYS A 124 -7.86 12.00 11.13
C LYS A 124 -7.18 10.67 11.35
N GLU A 125 -7.71 9.63 10.72
CA GLU A 125 -7.05 8.32 10.82
C GLU A 125 -6.50 8.07 9.43
N ALA A 126 -5.36 7.39 9.35
CA ALA A 126 -4.76 7.10 8.06
C ALA A 126 -4.08 5.75 8.11
N LEU A 127 -3.88 5.18 6.93
CA LEU A 127 -3.30 3.87 6.80
C LEU A 127 -1.81 3.98 6.48
N LEU A 128 -0.97 3.27 7.24
CA LEU A 128 0.48 3.23 6.97
C LEU A 128 0.58 2.32 5.73
N ASP A 129 0.96 2.91 4.60
CA ASP A 129 0.94 2.17 3.32
C ASP A 129 2.29 2.10 2.63
N THR A 130 3.01 0.98 2.82
CA THR A 130 4.33 0.83 2.21
C THR A 130 4.29 0.73 0.69
N GLY A 131 3.11 0.46 0.12
CA GLY A 131 3.02 0.34 -1.32
C GLY A 131 2.75 1.68 -1.98
N ALA A 132 2.63 2.74 -1.19
CA ALA A 132 2.34 4.04 -1.75
C ALA A 132 3.58 4.93 -1.74
N ASP A 133 3.91 5.53 -2.88
CA ASP A 133 5.09 6.39 -2.92
C ASP A 133 4.76 7.71 -2.22
N ASP A 134 3.50 8.11 -2.36
CA ASP A 134 3.03 9.39 -1.83
C ASP A 134 1.98 9.29 -0.74
N THR A 135 1.77 10.42 -0.06
CA THR A 135 0.76 10.52 0.97
C THR A 135 -0.47 11.16 0.32
N VAL A 136 -1.61 10.49 0.46
CA VAL A 136 -2.86 10.96 -0.14
C VAL A 136 -4.01 10.99 0.87
N LEU A 137 -4.58 12.18 1.09
CA LEU A 137 -5.69 12.27 2.03
C LEU A 137 -6.97 12.71 1.37
N GLU A 138 -8.07 12.23 1.97
CA GLU A 138 -9.47 12.53 1.62
C GLU A 138 -9.59 14.05 1.52
N GLU A 139 -10.55 14.53 0.74
CA GLU A 139 -10.76 15.97 0.60
C GLU A 139 -10.84 16.60 2.00
N MET A 140 -10.12 17.68 2.20
CA MET A 140 -10.12 18.33 3.49
C MET A 140 -9.65 19.75 3.30
N SER A 141 -9.85 20.55 4.34
CA SER A 141 -9.46 21.95 4.32
C SER A 141 -7.99 22.14 4.72
N LEU A 142 -7.18 22.61 3.78
CA LEU A 142 -5.78 22.85 4.06
C LEU A 142 -5.50 24.30 3.63
N PRO A 143 -4.63 25.02 4.37
CA PRO A 143 -4.35 26.40 3.98
C PRO A 143 -3.22 26.50 2.97
N GLY A 144 -3.22 27.57 2.18
CA GLY A 144 -2.14 27.78 1.24
C GLY A 144 -2.32 27.45 -0.22
N ARG A 145 -1.23 27.59 -0.96
CA ARG A 145 -1.22 27.33 -2.39
C ARG A 145 -1.06 25.83 -2.65
N TRP A 146 -1.53 25.39 -3.80
CA TRP A 146 -1.43 23.99 -4.18
C TRP A 146 -1.24 23.93 -5.69
N LYS A 147 -0.84 22.76 -6.17
CA LYS A 147 -0.64 22.56 -7.60
C LYS A 147 -1.36 21.31 -8.06
N PRO A 148 -2.04 21.38 -9.22
CA PRO A 148 -2.80 20.28 -9.84
C PRO A 148 -1.85 19.13 -10.14
N LYS A 149 -2.32 17.90 -9.93
CA LYS A 149 -1.46 16.75 -10.18
C LYS A 149 -2.35 15.51 -10.32
N MET A 150 -1.83 14.50 -11.01
CA MET A 150 -2.59 13.27 -11.19
C MET A 150 -1.75 12.14 -10.67
N ILE A 151 -2.39 11.17 -10.01
CA ILE A 151 -1.66 10.03 -9.49
C ILE A 151 -2.41 8.77 -9.87
N GLY A 152 -1.68 7.67 -9.96
CA GLY A 152 -2.32 6.43 -10.31
C GLY A 152 -2.39 5.41 -9.19
N GLY A 153 -3.32 4.48 -9.36
CA GLY A 153 -3.51 3.44 -8.40
C GLY A 153 -4.05 2.23 -9.13
N ILE A 154 -4.39 1.22 -8.36
CA ILE A 154 -4.89 -0.01 -8.93
C ILE A 154 -6.08 0.08 -9.88
N GLY A 155 -6.92 1.11 -9.74
CA GLY A 155 -8.08 1.20 -10.62
C GLY A 155 -8.07 2.27 -11.70
N GLY A 156 -6.99 3.02 -11.78
CA GLY A 156 -6.89 4.06 -12.77
C GLY A 156 -6.22 5.26 -12.13
N PHE A 157 -6.70 6.45 -12.44
CA PHE A 157 -6.09 7.64 -11.89
C PHE A 157 -7.05 8.63 -11.27
N ILE A 158 -6.51 9.51 -10.44
CA ILE A 158 -7.36 10.55 -9.85
C ILE A 158 -6.56 11.85 -9.87
N LYS A 159 -7.29 12.96 -9.87
CA LYS A 159 -6.67 14.27 -9.86
C LYS A 159 -6.62 14.70 -8.40
N VAL A 160 -5.50 15.26 -7.98
CA VAL A 160 -5.39 15.69 -6.60
C VAL A 160 -4.75 17.05 -6.56
N ARG A 161 -4.77 17.64 -5.37
CA ARG A 161 -4.15 18.93 -5.14
C ARG A 161 -2.87 18.63 -4.40
N GLN A 162 -1.76 19.17 -4.88
CA GLN A 162 -0.50 18.93 -4.21
C GLN A 162 -0.04 20.08 -3.31
N TYR A 163 0.01 19.83 -2.00
CA TYR A 163 0.48 20.82 -1.03
C TYR A 163 1.87 20.40 -0.56
N ASP A 164 2.84 21.30 -0.60
CA ASP A 164 4.19 20.97 -0.14
C ASP A 164 4.46 21.56 1.24
N GLN A 165 5.53 21.09 1.87
CA GLN A 165 5.95 21.57 3.19
C GLN A 165 4.82 21.58 4.20
N ILE A 166 4.04 20.51 4.21
CA ILE A 166 2.91 20.39 5.14
C ILE A 166 3.34 19.64 6.37
N LEU A 167 3.02 20.18 7.55
CA LEU A 167 3.40 19.50 8.78
C LEU A 167 2.33 18.51 9.17
N ILE A 168 2.72 17.29 9.48
CA ILE A 168 1.78 16.27 9.93
C ILE A 168 2.34 15.55 11.14
N GLU A 169 1.49 15.25 12.10
CA GLU A 169 1.96 14.51 13.23
C GLU A 169 1.35 13.14 13.01
N ILE A 170 2.21 12.15 12.84
CA ILE A 170 1.77 10.78 12.59
C ILE A 170 2.02 9.98 13.85
N CYS A 171 0.96 9.54 14.51
CA CYS A 171 1.08 8.77 15.73
C CYS A 171 2.04 9.46 16.72
N GLY A 172 2.01 10.80 16.73
CA GLY A 172 2.85 11.54 17.65
C GLY A 172 4.20 11.99 17.09
N HIS A 173 4.57 11.44 15.94
CA HIS A 173 5.83 11.79 15.31
C HIS A 173 5.62 12.86 14.25
N LYS A 174 6.41 13.91 14.33
CA LYS A 174 6.28 15.00 13.39
C LYS A 174 7.07 14.75 12.11
N ALA A 175 6.46 15.16 11.01
CA ALA A 175 7.07 15.04 9.70
C ALA A 175 6.60 16.24 8.87
N ILE A 176 7.43 16.65 7.91
CA ILE A 176 7.05 17.73 7.03
C ILE A 176 7.30 17.25 5.63
N GLY A 177 6.29 17.41 4.78
CA GLY A 177 6.43 16.99 3.41
C GLY A 177 5.22 17.25 2.57
N THR A 178 5.24 16.64 1.39
CA THR A 178 4.18 16.77 0.43
C THR A 178 2.98 15.91 0.75
N VAL A 179 1.82 16.52 0.65
CA VAL A 179 0.57 15.83 0.91
C VAL A 179 -0.39 16.06 -0.25
N LEU A 180 -0.92 14.98 -0.81
CA LEU A 180 -1.84 15.12 -1.90
C LEU A 180 -3.27 15.01 -1.33
N VAL A 181 -4.16 15.84 -1.85
CA VAL A 181 -5.55 15.82 -1.39
C VAL A 181 -6.47 15.59 -2.57
N GLY A 182 -7.31 14.58 -2.46
CA GLY A 182 -8.21 14.26 -3.54
C GLY A 182 -9.12 13.10 -3.22
N PRO A 183 -9.82 12.58 -4.23
CA PRO A 183 -10.76 11.47 -4.11
C PRO A 183 -10.23 10.06 -3.82
N THR A 184 -9.37 9.93 -2.82
CA THR A 184 -8.87 8.62 -2.43
C THR A 184 -9.93 8.02 -1.53
N PRO A 185 -10.14 6.71 -1.62
CA PRO A 185 -11.14 6.09 -0.75
C PRO A 185 -10.71 6.03 0.72
N VAL A 186 -9.40 6.10 0.97
N VAL A 186 -9.40 6.10 0.97
CA VAL A 186 -8.88 6.04 2.34
CA VAL A 186 -8.86 6.01 2.33
C VAL A 186 -7.64 6.92 2.47
C VAL A 186 -7.63 6.91 2.47
N ASN A 187 -7.44 7.50 3.64
CA ASN A 187 -6.29 8.37 3.87
C ASN A 187 -5.10 7.44 3.93
N ILE A 188 -4.07 7.75 3.16
N ILE A 188 -4.06 7.72 3.16
CA ILE A 188 -2.87 6.91 3.08
CA ILE A 188 -2.89 6.86 3.19
C ILE A 188 -1.58 7.67 3.41
C ILE A 188 -1.61 7.65 3.43
N ILE A 189 -0.74 7.11 4.28
CA ILE A 189 0.55 7.74 4.58
C ILE A 189 1.54 6.91 3.78
N GLY A 190 2.14 7.54 2.77
CA GLY A 190 3.10 6.90 1.89
C GLY A 190 4.56 7.03 2.29
N ARG A 191 5.44 6.43 1.50
CA ARG A 191 6.86 6.39 1.83
C ARG A 191 7.52 7.75 2.03
N ASN A 192 7.01 8.77 1.36
CA ASN A 192 7.61 10.09 1.50
C ASN A 192 7.57 10.57 2.94
N LEU A 193 6.56 10.14 3.70
CA LEU A 193 6.47 10.52 5.11
C LEU A 193 6.89 9.37 6.01
N LEU A 194 6.66 8.12 5.57
CA LEU A 194 7.04 6.99 6.41
C LEU A 194 8.54 6.99 6.73
N THR A 195 9.36 7.43 5.79
CA THR A 195 10.80 7.46 6.05
C THR A 195 11.19 8.45 7.16
N GLN A 196 10.40 9.51 7.30
CA GLN A 196 10.68 10.54 8.30
C GLN A 196 10.37 10.13 9.72
N ILE A 197 9.52 9.14 9.90
CA ILE A 197 9.21 8.70 11.23
C ILE A 197 9.94 7.40 11.48
N GLY A 198 10.94 7.15 10.64
CA GLY A 198 11.76 5.95 10.74
C GLY A 198 11.03 4.63 10.70
N ALA A 199 10.07 4.50 9.79
CA ALA A 199 9.33 3.26 9.69
C ALA A 199 10.17 2.23 8.95
N THR A 200 10.15 1.00 9.44
CA THR A 200 10.87 -0.09 8.79
C THR A 200 9.93 -1.26 8.64
N LEU A 201 10.17 -2.08 7.62
CA LEU A 201 9.37 -3.25 7.38
C LEU A 201 10.27 -4.44 7.79
N ASN A 202 9.77 -5.31 8.67
CA ASN A 202 10.55 -6.44 9.18
C ASN A 202 9.90 -7.83 9.00
N PHE A 203 10.65 -8.79 8.45
CA PHE A 203 10.09 -10.14 8.30
C PHE A 203 11.18 -11.22 8.36
#